data_3UOU
#
_entry.id   3UOU
#
_cell.length_a   132.750
_cell.length_b   47.180
_cell.length_c   42.680
_cell.angle_alpha   90.00
_cell.angle_beta   100.07
_cell.angle_gamma   90.00
#
_symmetry.space_group_name_H-M   'C 1 2 1'
#
loop_
_entity.id
_entity.type
_entity.pdbx_description
1 polymer 'Chymotrypsin-like elastase family member 1'
2 polymer 'Kunitz-type proteinase inhibitor SHPI-1'
3 non-polymer 'SULFATE ION'
4 non-polymer GLYCEROL
5 water water
#
loop_
_entity_poly.entity_id
_entity_poly.type
_entity_poly.pdbx_seq_one_letter_code
_entity_poly.pdbx_strand_id
1 'polypeptide(L)'
;VVGGTEAQRNSWPSQISLQYRSGSSWAHTCGGTLIRQNWVMTAAHCVDRELTFRVVVGEHNLNQNDGTEQYVGVQKIVVH
PYWNTDDVAAGYDIALLRLAQSVTLNSYVQLGVLPRAGTILANNSPCYITGWGLTRTNGQLAQTLQQAYLPTVDYAICSS
SSYWGSTVKNSMVCAGGDGVRSGCQGDSGGPLHCLVNGQYAVHGVTSFVSRLGCNVTRKPTVFTRVSAYISWINNVIASN
;
A
2 'polypeptide(L)' SICSEPKKVGRCLGYFPRFYFDSETGKCTPFIYGGCGGNGNNFETLHQCRAICRA B
#
loop_
_chem_comp.id
_chem_comp.type
_chem_comp.name
_chem_comp.formula
GOL non-polymer GLYCEROL 'C3 H8 O3'
SO4 non-polymer 'SULFATE ION' 'O4 S -2'
#
# COMPACT_ATOMS: atom_id res chain seq x y z
N VAL A 1 -0.68 -7.54 -6.94
CA VAL A 1 0.24 -8.63 -6.66
C VAL A 1 0.59 -9.35 -7.95
N VAL A 2 1.89 -9.35 -8.29
CA VAL A 2 2.38 -10.03 -9.47
C VAL A 2 2.80 -11.45 -9.11
N GLY A 3 2.42 -12.41 -9.94
CA GLY A 3 2.82 -13.80 -9.70
C GLY A 3 2.03 -14.50 -8.61
N GLY A 4 0.87 -13.96 -8.25
CA GLY A 4 0.06 -14.56 -7.22
C GLY A 4 -1.16 -15.29 -7.75
N THR A 5 -2.06 -15.63 -6.83
CA THR A 5 -3.29 -16.32 -7.18
C THR A 5 -4.42 -15.72 -6.37
N GLU A 6 -5.65 -15.97 -6.81
CA GLU A 6 -6.81 -15.45 -6.11
C GLU A 6 -6.90 -16.07 -4.72
N ALA A 7 -7.04 -15.25 -3.69
CA ALA A 7 -7.20 -15.75 -2.33
C ALA A 7 -8.55 -16.43 -2.21
N GLN A 8 -8.64 -17.42 -1.32
CA GLN A 8 -9.96 -17.94 -0.94
C GLN A 8 -10.72 -16.76 -0.35
N ARG A 9 -11.98 -16.59 -0.72
CA ARG A 9 -12.70 -15.38 -0.30
C ARG A 9 -12.75 -15.23 1.23
N ASN A 10 -12.48 -14.01 1.70
CA ASN A 10 -12.48 -13.68 3.13
C ASN A 10 -11.45 -14.43 3.99
N SER A 11 -10.44 -15.04 3.36
CA SER A 11 -9.43 -15.80 4.09
C SER A 11 -8.40 -14.87 4.74
N TRP A 12 -8.42 -13.59 4.38
CA TRP A 12 -7.60 -12.62 5.07
C TRP A 12 -8.48 -11.49 5.59
N PRO A 13 -9.26 -11.76 6.67
CA PRO A 13 -10.35 -10.87 7.09
C PRO A 13 -9.92 -9.52 7.68
N SER A 14 -8.63 -9.28 7.87
CA SER A 14 -8.19 -7.95 8.28
C SER A 14 -7.84 -7.05 7.08
N GLN A 15 -7.80 -7.64 5.88
CA GLN A 15 -7.47 -6.85 4.67
C GLN A 15 -8.58 -5.85 4.35
N ILE A 16 -8.21 -4.59 4.12
CA ILE A 16 -9.20 -3.60 3.69
C ILE A 16 -8.83 -2.98 2.33
N SER A 17 -9.84 -2.45 1.62
CA SER A 17 -9.60 -1.69 0.40
C SER A 17 -9.82 -0.23 0.74
N LEU A 18 -8.83 0.60 0.43
CA LEU A 18 -8.88 2.04 0.67
C LEU A 18 -9.22 2.74 -0.64
N GLN A 19 -10.30 3.51 -0.64
CA GLN A 19 -10.84 4.07 -1.87
C GLN A 19 -11.07 5.56 -1.75
N TYR A 20 -10.81 6.30 -2.82
CA TYR A 20 -11.02 7.75 -2.82
C TYR A 20 -12.28 8.11 -3.60
N ARG A 21 -12.91 9.20 -3.20
CA ARG A 21 -14.12 9.68 -3.85
C ARG A 21 -13.87 10.04 -5.31
N SER A 22 -14.78 9.58 -6.16
CA SER A 22 -14.76 9.86 -7.58
C SER A 22 -16.20 10.07 -8.07
N GLY A 23 -16.56 11.31 -8.40
CA GLY A 23 -17.93 11.61 -8.77
C GLY A 23 -18.84 11.41 -7.57
N SER A 24 -19.81 10.52 -7.70
CA SER A 24 -20.58 10.10 -6.53
C SER A 24 -20.22 8.66 -6.16
N SER A 25 -19.17 8.13 -6.80
CA SER A 25 -18.69 6.78 -6.54
C SER A 25 -17.34 6.76 -5.79
N TRP A 26 -16.63 5.64 -5.95
CA TRP A 26 -15.42 5.37 -5.17
C TRP A 26 -14.46 4.52 -5.99
N ALA A 27 -13.15 4.76 -5.82
CA ALA A 27 -12.13 4.04 -6.59
C ALA A 27 -10.96 3.56 -5.72
N HIS A 28 -10.64 2.28 -5.82
CA HIS A 28 -9.57 1.69 -5.04
C HIS A 28 -8.22 2.31 -5.36
N THR A 29 -7.44 2.62 -4.32
CA THR A 29 -6.08 3.16 -4.50
C THR A 29 -5.02 2.39 -3.69
N CYS A 30 -5.38 1.87 -2.53
CA CYS A 30 -4.41 1.23 -1.64
C CYS A 30 -5.07 0.14 -0.80
N GLY A 31 -4.24 -0.68 -0.16
CA GLY A 31 -4.73 -1.59 0.85
C GLY A 31 -4.64 -0.99 2.24
N GLY A 32 -4.97 -1.80 3.25
CA GLY A 32 -4.89 -1.40 4.64
C GLY A 32 -5.11 -2.62 5.52
N THR A 33 -4.86 -2.48 6.82
CA THR A 33 -5.17 -3.54 7.77
C THR A 33 -6.10 -2.99 8.86
N LEU A 34 -7.24 -3.64 9.07
CA LEU A 34 -8.11 -3.29 10.19
C LEU A 34 -7.40 -3.63 11.51
N ILE A 35 -7.12 -2.64 12.37
CA ILE A 35 -6.47 -2.93 13.65
C ILE A 35 -7.31 -2.69 14.91
N ARG A 36 -8.40 -1.95 14.76
N ARG A 36 -8.40 -1.96 14.76
CA ARG A 36 -9.43 -1.82 15.81
CA ARG A 36 -9.43 -1.86 15.80
C ARG A 36 -10.75 -1.83 15.07
C ARG A 36 -10.76 -1.80 15.06
N GLN A 37 -11.87 -1.85 15.79
CA GLN A 37 -13.19 -1.80 15.15
C GLN A 37 -13.36 -0.49 14.37
N ASN A 38 -12.65 0.55 14.81
CA ASN A 38 -12.71 1.85 14.12
C ASN A 38 -11.36 2.45 13.70
N TRP A 39 -10.32 1.63 13.57
CA TRP A 39 -9.03 2.13 13.07
C TRP A 39 -8.46 1.22 12.00
N VAL A 40 -7.82 1.84 11.01
CA VAL A 40 -7.14 1.14 9.92
C VAL A 40 -5.70 1.64 9.83
N MET A 41 -4.77 0.70 9.67
CA MET A 41 -3.35 1.00 9.48
C MET A 41 -3.01 0.91 7.99
N THR A 42 -2.42 1.96 7.45
CA THR A 42 -2.08 1.96 6.03
C THR A 42 -0.72 2.61 5.79
N ALA A 43 -0.40 2.92 4.53
CA ALA A 43 0.85 3.63 4.23
C ALA A 43 0.61 5.14 4.21
N ALA A 44 1.59 5.90 4.71
CA ALA A 44 1.50 7.37 4.70
C ALA A 44 1.28 7.90 3.29
N HIS A 45 2.00 7.34 2.32
CA HIS A 45 1.95 7.88 0.96
C HIS A 45 0.57 7.67 0.31
N CYS A 46 -0.24 6.79 0.88
CA CYS A 46 -1.60 6.58 0.39
C CYS A 46 -2.56 7.72 0.74
N VAL A 47 -2.33 8.39 1.86
CA VAL A 47 -3.33 9.31 2.40
CA VAL A 47 -3.33 9.31 2.41
C VAL A 47 -2.78 10.70 2.75
N ASP A 48 -1.52 10.97 2.42
CA ASP A 48 -0.97 12.29 2.72
C ASP A 48 -1.35 13.28 1.61
N ARG A 49 -2.64 13.42 1.39
CA ARG A 49 -3.18 14.24 0.30
C ARG A 49 -4.61 14.62 0.64
N GLU A 50 -5.12 15.68 0.01
CA GLU A 50 -6.47 16.16 0.30
C GLU A 50 -7.55 15.44 -0.49
N LEU A 51 -7.74 14.14 -0.22
CA LEU A 51 -8.83 13.40 -0.84
C LEU A 51 -9.81 12.94 0.24
N THR A 52 -11.04 12.66 -0.19
CA THR A 52 -12.05 12.06 0.67
CA THR A 52 -12.01 12.05 0.71
C THR A 52 -12.00 10.54 0.49
N PHE A 53 -11.75 9.82 1.58
CA PHE A 53 -11.56 8.37 1.52
C PHE A 53 -12.71 7.59 2.17
N ARG A 54 -12.84 6.33 1.77
CA ARG A 54 -13.63 5.37 2.54
C ARG A 54 -12.87 4.07 2.61
N VAL A 55 -13.28 3.20 3.53
CA VAL A 55 -12.64 1.92 3.75
C VAL A 55 -13.67 0.83 3.52
N VAL A 56 -13.30 -0.23 2.79
CA VAL A 56 -14.20 -1.39 2.66
C VAL A 56 -13.60 -2.60 3.35
N VAL A 57 -14.32 -3.13 4.34
CA VAL A 57 -13.92 -4.35 5.02
C VAL A 57 -14.77 -5.49 4.44
N GLY A 58 -14.33 -6.72 4.64
CA GLY A 58 -15.05 -7.88 4.14
C GLY A 58 -15.08 -7.97 2.63
N GLU A 59 -14.12 -7.32 1.97
CA GLU A 59 -14.15 -7.23 0.51
C GLU A 59 -13.42 -8.41 -0.15
N HIS A 60 -13.91 -8.82 -1.32
CA HIS A 60 -13.18 -9.79 -2.15
C HIS A 60 -13.14 -9.34 -3.63
N ASN A 61 -14.31 -9.17 -4.23
CA ASN A 61 -14.44 -8.69 -5.60
C ASN A 61 -14.85 -7.22 -5.61
N LEU A 62 -13.97 -6.38 -6.14
CA LEU A 62 -14.15 -4.92 -6.12
C LEU A 62 -15.38 -4.38 -6.84
N ASN A 63 -15.88 -5.12 -7.82
CA ASN A 63 -17.00 -4.63 -8.63
C ASN A 63 -18.26 -5.47 -8.53
N GLN A 64 -18.46 -6.11 -7.38
CA GLN A 64 -19.63 -6.94 -7.14
C GLN A 64 -19.88 -7.06 -5.64
N ASN A 65 -21.09 -6.73 -5.21
CA ASN A 65 -21.46 -6.81 -3.80
C ASN A 65 -21.90 -8.25 -3.49
N ASP A 66 -21.11 -8.97 -2.71
CA ASP A 66 -21.40 -10.38 -2.38
C ASP A 66 -22.09 -10.59 -1.03
N GLY A 67 -22.01 -9.61 -0.14
CA GLY A 67 -22.75 -9.66 1.11
C GLY A 67 -21.96 -9.60 2.39
N THR A 68 -20.63 -9.66 2.28
CA THR A 68 -19.77 -9.62 3.46
C THR A 68 -19.18 -8.22 3.68
N GLU A 69 -19.42 -7.32 2.73
CA GLU A 69 -18.76 -6.02 2.74
C GLU A 69 -19.45 -5.03 3.67
N GLN A 70 -18.65 -4.16 4.26
CA GLN A 70 -19.15 -2.99 4.96
C GLN A 70 -18.36 -1.79 4.47
N TYR A 71 -19.05 -0.70 4.18
CA TYR A 71 -18.45 0.47 3.57
C TYR A 71 -18.53 1.62 4.56
N VAL A 72 -17.38 2.08 5.06
CA VAL A 72 -17.39 3.15 6.06
CA VAL A 72 -17.35 3.13 6.08
C VAL A 72 -16.45 4.30 5.67
N GLY A 73 -16.87 5.52 5.99
CA GLY A 73 -16.07 6.70 5.71
C GLY A 73 -14.84 6.77 6.58
N VAL A 74 -13.89 7.60 6.18
CA VAL A 74 -12.72 7.89 7.01
C VAL A 74 -12.95 9.22 7.76
N GLN A 75 -12.86 9.16 9.09
CA GLN A 75 -13.12 10.31 9.96
C GLN A 75 -11.88 11.17 10.17
N LYS A 76 -10.75 10.52 10.41
CA LYS A 76 -9.52 11.22 10.75
C LYS A 76 -8.33 10.49 10.17
N ILE A 77 -7.40 11.25 9.61
CA ILE A 77 -6.17 10.67 9.07
C ILE A 77 -5.00 11.15 9.92
N VAL A 78 -4.19 10.23 10.43
CA VAL A 78 -3.00 10.58 11.20
C VAL A 78 -1.76 10.01 10.50
N VAL A 79 -1.10 10.85 9.70
CA VAL A 79 0.11 10.46 9.01
C VAL A 79 1.25 10.54 10.01
N HIS A 80 2.18 9.58 9.97
CA HIS A 80 3.38 9.70 10.80
C HIS A 80 4.06 11.05 10.52
N PRO A 81 4.34 11.83 11.58
CA PRO A 81 4.88 13.19 11.40
C PRO A 81 6.28 13.27 10.77
N TYR A 82 6.99 12.15 10.71
CA TYR A 82 8.34 12.14 10.15
C TYR A 82 8.31 11.68 8.69
N TRP A 83 7.13 11.27 8.22
CA TRP A 83 7.02 10.80 6.85
C TRP A 83 7.43 11.92 5.88
N ASN A 84 8.27 11.57 4.92
CA ASN A 84 8.70 12.51 3.88
C ASN A 84 8.39 11.96 2.48
N THR A 85 7.43 12.57 1.79
CA THR A 85 6.99 12.12 0.46
C THR A 85 8.09 12.11 -0.61
N ASP A 86 9.10 12.96 -0.43
CA ASP A 86 10.22 13.03 -1.37
C ASP A 86 11.30 12.02 -1.03
N ASP A 87 11.06 11.19 -0.01
CA ASP A 87 12.07 10.22 0.37
C ASP A 87 11.47 9.02 1.08
N VAL A 88 10.85 8.13 0.31
CA VAL A 88 10.19 6.98 0.89
C VAL A 88 11.21 6.08 1.58
N ALA A 89 12.43 6.06 1.06
CA ALA A 89 13.45 5.20 1.61
C ALA A 89 13.95 5.69 2.98
N ALA A 90 13.54 6.90 3.38
CA ALA A 90 13.85 7.38 4.72
C ALA A 90 12.98 6.64 5.75
N GLY A 91 11.91 6.00 5.27
CA GLY A 91 11.01 5.28 6.16
C GLY A 91 9.82 6.07 6.68
N TYR A 92 9.27 5.63 7.81
CA TYR A 92 8.10 6.23 8.42
C TYR A 92 6.87 6.22 7.52
N ASP A 93 6.79 5.23 6.63
CA ASP A 93 5.67 5.15 5.70
C ASP A 93 4.52 4.41 6.39
N ILE A 94 3.85 5.12 7.28
CA ILE A 94 2.71 4.57 8.03
C ILE A 94 1.73 5.68 8.37
N ALA A 95 0.44 5.33 8.32
CA ALA A 95 -0.62 6.24 8.73
C ALA A 95 -1.76 5.45 9.37
N LEU A 96 -2.48 6.12 10.27
CA LEU A 96 -3.64 5.51 10.90
CA LEU A 96 -3.64 5.51 10.92
C LEU A 96 -4.91 6.26 10.53
N LEU A 97 -5.95 5.52 10.20
CA LEU A 97 -7.21 6.13 9.81
C LEU A 97 -8.28 5.75 10.82
N ARG A 98 -8.87 6.74 11.47
CA ARG A 98 -10.05 6.47 12.31
C ARG A 98 -11.27 6.52 11.41
N LEU A 99 -12.15 5.54 11.58
CA LEU A 99 -13.35 5.42 10.74
C LEU A 99 -14.54 6.19 11.31
N ALA A 100 -15.37 6.73 10.43
CA ALA A 100 -16.53 7.54 10.82
C ALA A 100 -17.63 6.73 11.50
N GLN A 101 -17.55 5.41 11.36
CA GLN A 101 -18.35 4.51 12.17
C GLN A 101 -17.61 3.19 12.29
N SER A 102 -17.79 2.52 13.41
CA SER A 102 -17.12 1.26 13.66
C SER A 102 -17.67 0.17 12.74
N VAL A 103 -16.82 -0.75 12.32
CA VAL A 103 -17.32 -1.88 11.55
C VAL A 103 -17.78 -2.96 12.53
N THR A 104 -18.60 -3.89 12.05
CA THR A 104 -19.05 -5.01 12.85
C THR A 104 -18.11 -6.18 12.62
N LEU A 105 -17.53 -6.70 13.69
CA LEU A 105 -16.61 -7.82 13.59
C LEU A 105 -17.37 -9.13 13.44
N ASN A 106 -16.91 -9.96 12.50
CA ASN A 106 -17.52 -11.28 12.27
C ASN A 106 -16.53 -12.22 11.64
N SER A 107 -16.98 -13.32 11.06
CA SER A 107 -16.08 -14.29 10.44
CA SER A 107 -16.03 -14.27 10.48
C SER A 107 -15.30 -13.64 9.30
N TYR A 108 -15.94 -12.69 8.65
CA TYR A 108 -15.39 -12.01 7.47
C TYR A 108 -14.57 -10.77 7.77
N VAL A 109 -14.80 -10.19 8.95
CA VAL A 109 -14.16 -8.94 9.34
C VAL A 109 -13.49 -9.10 10.70
N GLN A 110 -12.16 -9.16 10.72
CA GLN A 110 -11.42 -9.45 11.95
C GLN A 110 -10.24 -8.52 12.10
N LEU A 111 -9.80 -8.28 13.33
CA LEU A 111 -8.64 -7.44 13.55
C LEU A 111 -7.37 -8.17 13.12
N GLY A 112 -6.46 -7.44 12.49
CA GLY A 112 -5.16 -7.98 12.20
C GLY A 112 -4.36 -8.07 13.47
N VAL A 113 -3.71 -9.22 13.67
CA VAL A 113 -2.85 -9.43 14.82
C VAL A 113 -1.49 -8.78 14.58
N LEU A 114 -1.02 -7.93 15.50
CA LEU A 114 0.25 -7.23 15.30
C LEU A 114 1.36 -7.90 16.11
N PRO A 115 2.62 -7.81 15.62
N PRO A 115 2.62 -7.81 15.62
CA PRO A 115 3.75 -8.42 16.31
CA PRO A 115 3.74 -8.43 16.33
C PRO A 115 4.10 -7.67 17.60
C PRO A 115 4.08 -7.68 17.61
N ARG A 116 4.82 -8.32 18.50
CA ARG A 116 5.31 -7.65 19.70
C ARG A 116 6.37 -6.62 19.32
N ALA A 117 6.42 -5.52 20.04
CA ALA A 117 7.37 -4.45 19.74
C ALA A 117 8.78 -4.98 19.58
N GLY A 118 9.43 -4.60 18.48
CA GLY A 118 10.83 -4.93 18.27
C GLY A 118 11.08 -6.24 17.55
N THR A 119 10.03 -7.00 17.26
CA THR A 119 10.18 -8.31 16.60
C THR A 119 10.83 -8.21 15.23
N ILE A 120 11.92 -8.95 15.05
CA ILE A 120 12.63 -9.07 13.78
C ILE A 120 12.54 -10.50 13.30
N LEU A 121 12.11 -10.70 12.05
CA LEU A 121 11.95 -12.04 11.50
C LEU A 121 13.27 -12.62 11.06
N ALA A 122 13.44 -13.92 11.26
CA ALA A 122 14.59 -14.64 10.75
C ALA A 122 14.56 -14.56 9.23
N ASN A 123 15.73 -14.61 8.60
CA ASN A 123 15.77 -14.64 7.15
C ASN A 123 14.93 -15.77 6.59
N ASN A 124 14.28 -15.50 5.46
CA ASN A 124 13.47 -16.51 4.77
C ASN A 124 12.23 -16.95 5.56
N SER A 125 11.70 -16.08 6.40
CA SER A 125 10.48 -16.40 7.15
C SER A 125 9.31 -16.48 6.18
N PRO A 126 8.39 -17.44 6.39
CA PRO A 126 7.26 -17.56 5.47
C PRO A 126 6.22 -16.46 5.68
N CYS A 127 5.98 -15.67 4.64
CA CYS A 127 4.98 -14.61 4.64
C CYS A 127 4.16 -14.59 3.35
N TYR A 128 3.03 -13.88 3.40
CA TYR A 128 2.16 -13.68 2.25
C TYR A 128 1.81 -12.21 2.10
N ILE A 129 1.90 -11.69 0.88
CA ILE A 129 1.39 -10.35 0.58
C ILE A 129 0.00 -10.51 -0.05
N THR A 130 -0.91 -9.60 0.26
CA THR A 130 -2.23 -9.60 -0.38
C THR A 130 -2.63 -8.22 -0.85
N GLY A 131 -3.47 -8.18 -1.89
CA GLY A 131 -4.00 -6.92 -2.35
C GLY A 131 -4.70 -6.97 -3.69
N TRP A 132 -5.30 -5.85 -4.10
CA TRP A 132 -5.96 -5.75 -5.38
C TRP A 132 -5.08 -5.00 -6.39
N GLY A 133 -3.78 -4.91 -6.12
CA GLY A 133 -2.88 -4.25 -7.05
C GLY A 133 -2.72 -4.95 -8.37
N LEU A 134 -1.96 -4.32 -9.27
CA LEU A 134 -1.71 -4.87 -10.60
CA LEU A 134 -1.70 -4.86 -10.59
C LEU A 134 -1.12 -6.27 -10.50
N THR A 135 -1.46 -7.11 -11.46
CA THR A 135 -0.91 -8.47 -11.52
C THR A 135 0.06 -8.59 -12.70
N ARG A 136 0.12 -7.53 -13.50
CA ARG A 136 1.05 -7.50 -14.63
C ARG A 136 1.40 -6.04 -14.94
N THR A 137 2.56 -5.84 -15.58
CA THR A 137 2.97 -4.51 -15.99
C THR A 137 1.96 -3.93 -16.96
N ASN A 138 1.56 -2.68 -16.70
CA ASN A 138 0.58 -1.98 -17.52
C ASN A 138 -0.80 -2.65 -17.49
N GLY A 139 -1.12 -3.29 -16.37
CA GLY A 139 -2.44 -3.91 -16.20
C GLY A 139 -3.43 -3.02 -15.49
N GLN A 140 -4.63 -3.55 -15.25
CA GLN A 140 -5.60 -2.87 -14.41
C GLN A 140 -5.47 -3.42 -12.99
N LEU A 141 -6.15 -2.78 -12.03
CA LEU A 141 -6.25 -3.36 -10.69
C LEU A 141 -6.90 -4.75 -10.79
N ALA A 142 -6.53 -5.67 -9.90
CA ALA A 142 -7.15 -6.99 -9.88
C ALA A 142 -8.61 -6.83 -9.47
N GLN A 143 -9.48 -7.67 -10.02
CA GLN A 143 -10.88 -7.70 -9.61
C GLN A 143 -11.06 -8.38 -8.26
N THR A 144 -10.31 -9.45 -8.05
CA THR A 144 -10.45 -10.21 -6.81
C THR A 144 -9.15 -10.12 -6.05
N LEU A 145 -9.23 -10.27 -4.72
CA LEU A 145 -8.06 -10.21 -3.85
C LEU A 145 -7.05 -11.30 -4.20
N GLN A 146 -5.79 -10.89 -4.33
CA GLN A 146 -4.75 -11.84 -4.70
C GLN A 146 -3.80 -12.05 -3.55
N GLN A 147 -3.15 -13.22 -3.52
CA GLN A 147 -2.08 -13.46 -2.57
C GLN A 147 -0.83 -14.02 -3.26
N ALA A 148 0.33 -13.80 -2.64
CA ALA A 148 1.55 -14.45 -3.10
C ALA A 148 2.47 -14.76 -1.93
N TYR A 149 3.07 -15.95 -1.96
CA TYR A 149 4.10 -16.29 -1.00
C TYR A 149 5.31 -15.39 -1.21
N LEU A 150 5.68 -14.64 -0.16
CA LEU A 150 6.79 -13.69 -0.23
C LEU A 150 7.65 -13.84 1.02
N PRO A 151 8.68 -14.69 0.97
CA PRO A 151 9.53 -14.93 2.15
C PRO A 151 10.46 -13.75 2.43
N THR A 152 10.80 -13.54 3.69
CA THR A 152 11.59 -12.38 4.06
C THR A 152 13.04 -12.51 3.62
N VAL A 153 13.66 -11.35 3.40
CA VAL A 153 15.10 -11.26 3.17
C VAL A 153 15.64 -10.40 4.31
N ASP A 154 16.53 -10.94 5.13
CA ASP A 154 16.92 -10.21 6.35
C ASP A 154 17.67 -8.93 6.04
N TYR A 155 17.84 -8.07 7.05
CA TYR A 155 18.49 -6.79 6.84
C TYR A 155 19.89 -6.94 6.24
N ALA A 156 20.63 -7.94 6.71
CA ALA A 156 22.00 -8.15 6.22
C ALA A 156 22.05 -8.45 4.72
N ILE A 157 21.17 -9.32 4.24
CA ILE A 157 21.15 -9.63 2.82
C ILE A 157 20.53 -8.51 2.00
N CYS A 158 19.40 -7.99 2.48
CA CYS A 158 18.68 -6.94 1.76
C CYS A 158 19.50 -5.64 1.64
N SER A 159 20.40 -5.41 2.60
CA SER A 159 21.19 -4.20 2.57
C SER A 159 22.49 -4.36 1.76
N SER A 160 22.70 -5.54 1.17
CA SER A 160 23.88 -5.78 0.34
C SER A 160 23.75 -5.07 -1.00
N SER A 161 24.87 -4.87 -1.69
CA SER A 161 24.87 -4.03 -2.88
C SER A 161 24.04 -4.60 -4.06
N SER A 162 23.92 -5.92 -4.14
CA SER A 162 23.14 -6.56 -5.20
C SER A 162 21.65 -6.50 -4.93
N TYR A 163 21.29 -6.29 -3.67
CA TYR A 163 19.89 -6.11 -3.32
C TYR A 163 19.59 -4.62 -3.27
N TRP A 164 19.34 -4.10 -2.07
CA TRP A 164 18.90 -2.71 -1.88
C TRP A 164 19.97 -1.74 -1.37
N GLY A 165 21.13 -2.26 -0.97
CA GLY A 165 22.18 -1.42 -0.42
C GLY A 165 21.69 -0.56 0.73
N SER A 166 22.01 0.72 0.70
CA SER A 166 21.68 1.65 1.80
C SER A 166 20.24 2.14 1.76
N THR A 167 19.50 1.75 0.74
CA THR A 167 18.14 2.23 0.56
C THR A 167 17.26 1.70 1.67
N VAL A 168 17.49 0.44 2.06
CA VAL A 168 16.70 -0.20 3.09
CA VAL A 168 16.70 -0.21 3.10
C VAL A 168 17.17 0.18 4.51
N LYS A 169 16.22 0.39 5.42
CA LYS A 169 16.53 0.69 6.80
C LYS A 169 16.11 -0.47 7.69
N ASN A 170 16.61 -0.46 8.93
CA ASN A 170 16.24 -1.50 9.89
C ASN A 170 14.77 -1.41 10.28
N SER A 171 14.13 -0.28 9.96
CA SER A 171 12.72 -0.08 10.25
C SER A 171 11.82 -0.61 9.12
N MET A 172 12.40 -1.42 8.25
CA MET A 172 11.66 -1.97 7.12
C MET A 172 11.80 -3.48 7.08
N VAL A 173 10.87 -4.13 6.39
CA VAL A 173 10.96 -5.56 6.10
C VAL A 173 11.08 -5.74 4.59
N CYS A 174 12.06 -6.51 4.13
CA CYS A 174 12.15 -6.89 2.72
C CYS A 174 11.56 -8.27 2.56
N ALA A 175 10.82 -8.48 1.49
CA ALA A 175 10.29 -9.80 1.19
C ALA A 175 10.19 -10.03 -0.31
N GLY A 176 10.51 -11.25 -0.73
CA GLY A 176 10.38 -11.63 -2.13
C GLY A 176 11.70 -11.38 -2.84
N GLY A 177 11.64 -10.72 -3.99
CA GLY A 177 12.84 -10.42 -4.76
C GLY A 177 13.32 -11.60 -5.59
N ASP A 178 12.42 -12.54 -5.89
CA ASP A 178 12.79 -13.74 -6.64
C ASP A 178 12.55 -13.56 -8.14
N GLY A 179 11.99 -12.41 -8.51
CA GLY A 179 11.73 -12.10 -9.91
C GLY A 179 10.47 -12.74 -10.44
N VAL A 180 9.71 -13.39 -9.56
CA VAL A 180 8.45 -14.03 -9.95
C VAL A 180 7.27 -13.38 -9.24
N ARG A 181 7.42 -13.10 -7.94
CA ARG A 181 6.30 -12.59 -7.16
C ARG A 181 6.67 -11.29 -6.45
N SER A 182 5.71 -10.37 -6.37
CA SER A 182 5.93 -9.07 -5.75
C SER A 182 4.64 -8.31 -5.57
N GLY A 183 4.70 -7.24 -4.77
CA GLY A 183 3.62 -6.27 -4.74
C GLY A 183 3.69 -5.45 -6.02
N CYS A 184 2.59 -4.81 -6.39
CA CYS A 184 2.60 -3.87 -7.53
C CYS A 184 1.58 -2.76 -7.28
N GLN A 185 1.42 -1.83 -8.24
CA GLN A 185 0.59 -0.64 -7.99
C GLN A 185 -0.86 -0.97 -7.54
N GLY A 186 -1.23 -0.43 -6.38
CA GLY A 186 -2.52 -0.72 -5.78
C GLY A 186 -2.39 -1.56 -4.52
N ASP A 187 -1.22 -2.13 -4.30
CA ASP A 187 -0.98 -2.98 -3.13
C ASP A 187 -0.51 -2.20 -1.89
N SER A 188 0.04 -1.00 -2.09
CA SER A 188 0.52 -0.16 -0.98
C SER A 188 -0.45 -0.11 0.19
N GLY A 189 0.09 -0.05 1.41
CA GLY A 189 -0.70 0.15 2.61
C GLY A 189 -1.20 -1.15 3.17
N GLY A 190 -1.22 -2.18 2.33
CA GLY A 190 -1.72 -3.48 2.73
C GLY A 190 -0.73 -4.25 3.59
N PRO A 191 -1.17 -5.41 4.09
CA PRO A 191 -0.39 -6.24 5.02
C PRO A 191 0.64 -7.13 4.34
N LEU A 192 1.72 -7.41 5.06
CA LEU A 192 2.50 -8.62 4.83
C LEU A 192 2.20 -9.52 6.00
N HIS A 193 1.54 -10.66 5.74
CA HIS A 193 1.07 -11.58 6.77
C HIS A 193 2.14 -12.63 7.03
N CYS A 194 2.56 -12.79 8.27
CA CYS A 194 3.56 -13.81 8.57
C CYS A 194 3.11 -14.75 9.69
N LEU A 195 3.19 -16.06 9.43
CA LEU A 195 2.83 -17.07 10.43
C LEU A 195 3.95 -17.16 11.45
N VAL A 196 3.66 -16.69 12.65
CA VAL A 196 4.63 -16.63 13.74
C VAL A 196 3.92 -17.05 15.02
N ASN A 197 4.48 -18.02 15.73
CA ASN A 197 3.85 -18.57 16.93
C ASN A 197 2.37 -18.90 16.74
N GLY A 198 2.05 -19.56 15.64
CA GLY A 198 0.73 -20.15 15.45
C GLY A 198 -0.40 -19.26 14.97
N GLN A 199 -0.13 -17.97 14.75
CA GLN A 199 -1.12 -17.08 14.13
C GLN A 199 -0.44 -16.23 13.07
N TYR A 200 -1.21 -15.85 12.05
CA TYR A 200 -0.70 -14.91 11.04
C TYR A 200 -0.72 -13.53 11.65
N ALA A 201 0.45 -12.92 11.78
CA ALA A 201 0.57 -11.56 12.25
C ALA A 201 0.97 -10.64 11.09
N VAL A 202 0.51 -9.40 11.15
CA VAL A 202 0.82 -8.42 10.11
C VAL A 202 2.13 -7.70 10.47
N HIS A 203 3.22 -8.20 9.90
CA HIS A 203 4.56 -7.66 10.16
C HIS A 203 4.94 -6.52 9.23
N GLY A 204 4.22 -6.38 8.13
CA GLY A 204 4.57 -5.37 7.14
C GLY A 204 3.42 -4.52 6.66
N VAL A 205 3.74 -3.27 6.30
CA VAL A 205 2.82 -2.39 5.59
C VAL A 205 3.47 -2.10 4.24
N THR A 206 2.82 -2.53 3.16
CA THR A 206 3.41 -2.41 1.83
C THR A 206 3.75 -0.96 1.49
N SER A 207 5.02 -0.72 1.16
CA SER A 207 5.53 0.62 0.93
C SER A 207 6.06 0.84 -0.50
N PHE A 208 7.13 0.16 -0.88
CA PHE A 208 7.76 0.47 -2.16
C PHE A 208 8.49 -0.68 -2.86
N VAL A 209 8.81 -0.45 -4.13
CA VAL A 209 9.61 -1.36 -4.94
C VAL A 209 10.65 -0.55 -5.72
N SER A 210 11.53 -1.22 -6.45
CA SER A 210 12.48 -0.51 -7.27
C SER A 210 11.78 0.20 -8.42
N ARG A 211 12.32 1.35 -8.82
CA ARG A 211 11.81 2.04 -10.00
C ARG A 211 12.01 1.24 -11.29
N LEU A 212 12.87 0.22 -11.23
CA LEU A 212 13.06 -0.72 -12.33
C LEU A 212 11.77 -1.47 -12.69
N GLY A 213 10.95 -1.73 -11.67
CA GLY A 213 9.69 -2.44 -11.88
C GLY A 213 9.25 -3.16 -10.63
N CYS A 214 7.98 -3.53 -10.58
CA CYS A 214 7.42 -4.20 -9.39
C CYS A 214 8.14 -5.50 -9.09
N ASN A 215 8.22 -6.37 -10.08
CA ASN A 215 8.77 -7.71 -9.95
C ASN A 215 10.18 -7.81 -10.56
N VAL A 216 11.20 -7.63 -9.72
CA VAL A 216 12.59 -7.58 -10.18
C VAL A 216 13.49 -8.43 -9.27
N THR A 217 14.28 -9.33 -9.84
CA THR A 217 15.14 -10.19 -9.03
C THR A 217 16.12 -9.35 -8.22
N ARG A 218 16.24 -9.68 -6.93
CA ARG A 218 17.12 -8.99 -5.99
C ARG A 218 16.67 -7.56 -5.69
N LYS A 219 15.42 -7.25 -6.03
CA LYS A 219 14.79 -6.02 -5.54
C LYS A 219 13.48 -6.42 -4.85
N PRO A 220 13.60 -7.00 -3.65
CA PRO A 220 12.41 -7.42 -2.91
C PRO A 220 11.44 -6.26 -2.68
N THR A 221 10.16 -6.60 -2.51
CA THR A 221 9.18 -5.60 -2.14
C THR A 221 9.56 -5.12 -0.73
N VAL A 222 9.38 -3.83 -0.45
CA VAL A 222 9.80 -3.29 0.84
C VAL A 222 8.60 -2.81 1.64
N PHE A 223 8.56 -3.19 2.92
CA PHE A 223 7.41 -2.90 3.77
C PHE A 223 7.85 -2.10 4.98
N THR A 224 6.98 -1.26 5.52
CA THR A 224 7.26 -0.65 6.81
C THR A 224 7.17 -1.76 7.88
N ARG A 225 8.17 -1.85 8.74
CA ARG A 225 8.16 -2.85 9.82
C ARG A 225 7.22 -2.42 10.95
N VAL A 226 6.08 -3.08 11.03
CA VAL A 226 5.03 -2.76 12.02
C VAL A 226 5.55 -2.80 13.45
N SER A 227 6.40 -3.77 13.76
CA SER A 227 6.91 -3.95 15.12
C SER A 227 7.72 -2.75 15.64
N ALA A 228 8.20 -1.92 14.73
CA ALA A 228 8.96 -0.74 15.11
C ALA A 228 8.04 0.43 15.50
N TYR A 229 6.72 0.23 15.34
CA TYR A 229 5.76 1.31 15.53
C TYR A 229 4.63 1.01 16.53
N ILE A 230 4.77 -0.08 17.30
CA ILE A 230 3.72 -0.50 18.23
CA ILE A 230 3.72 -0.50 18.23
C ILE A 230 3.39 0.60 19.25
N SER A 231 4.40 1.20 19.87
CA SER A 231 4.10 2.25 20.84
C SER A 231 3.45 3.47 20.21
N TRP A 232 3.90 3.82 19.01
CA TRP A 232 3.32 4.94 18.28
C TRP A 232 1.87 4.65 17.92
N ILE A 233 1.59 3.45 17.41
CA ILE A 233 0.23 3.02 17.08
C ILE A 233 -0.71 3.07 18.30
N ASN A 234 -0.26 2.50 19.42
CA ASN A 234 -1.10 2.45 20.62
C ASN A 234 -1.37 3.83 21.19
N ASN A 235 -0.37 4.70 21.16
CA ASN A 235 -0.54 6.05 21.68
C ASN A 235 -1.46 6.93 20.84
N VAL A 236 -1.39 6.78 19.52
CA VAL A 236 -2.27 7.54 18.62
C VAL A 236 -3.75 7.14 18.84
N ILE A 237 -3.98 5.84 18.99
CA ILE A 237 -5.33 5.34 19.20
C ILE A 237 -5.88 5.75 20.58
N ALA A 238 -5.03 5.69 21.60
CA ALA A 238 -5.42 6.09 22.95
C ALA A 238 -5.75 7.58 23.05
N SER A 239 -5.10 8.37 22.21
CA SER A 239 -5.26 9.82 22.23
C SER A 239 -6.31 10.37 21.27
N ASN A 240 -6.42 9.77 20.10
CA ASN A 240 -7.22 10.33 19.02
C ASN A 240 -8.57 9.65 18.84
N SER B 1 10.67 23.85 -18.00
CA SER B 1 9.56 24.03 -17.07
C SER B 1 9.25 22.74 -16.32
N ILE B 2 8.02 22.27 -16.42
CA ILE B 2 7.62 21.00 -15.82
C ILE B 2 7.10 20.03 -16.88
N CYS B 3 6.54 20.59 -17.95
CA CYS B 3 6.04 19.79 -19.08
C CYS B 3 7.16 19.07 -19.82
N SER B 4 8.37 19.56 -19.66
CA SER B 4 9.56 18.97 -20.25
C SER B 4 10.17 17.92 -19.32
N GLU B 5 9.64 17.82 -18.11
CA GLU B 5 10.16 16.86 -17.14
C GLU B 5 9.74 15.46 -17.54
N PRO B 6 10.52 14.44 -17.16
CA PRO B 6 10.12 13.07 -17.52
C PRO B 6 8.88 12.59 -16.78
N LYS B 7 8.18 11.64 -17.37
CA LYS B 7 7.15 10.90 -16.67
C LYS B 7 7.86 10.15 -15.54
N LYS B 8 7.32 10.21 -14.33
CA LYS B 8 7.94 9.52 -13.21
C LYS B 8 6.89 8.81 -12.36
N VAL B 9 6.94 7.47 -12.37
CA VAL B 9 6.04 6.65 -11.55
C VAL B 9 6.45 6.65 -10.09
N GLY B 10 7.76 6.59 -9.84
CA GLY B 10 8.28 6.55 -8.48
C GLY B 10 8.34 5.15 -7.91
N ARG B 11 8.82 5.04 -6.68
CA ARG B 11 9.01 3.74 -6.04
C ARG B 11 7.77 3.20 -5.31
N CYS B 12 6.80 4.05 -5.01
CA CYS B 12 5.70 3.61 -4.15
C CYS B 12 4.66 2.77 -4.91
N LEU B 13 3.93 1.93 -4.18
CA LEU B 13 3.00 0.99 -4.80
C LEU B 13 1.52 1.39 -4.69
N GLY B 14 1.25 2.69 -4.63
CA GLY B 14 -0.13 3.17 -4.67
C GLY B 14 -0.66 3.10 -6.09
N TYR B 15 -1.97 3.24 -6.24
CA TYR B 15 -2.56 3.33 -7.57
C TYR B 15 -3.23 4.68 -7.73
N PHE B 16 -2.48 5.64 -8.28
CA PHE B 16 -3.02 6.97 -8.54
C PHE B 16 -3.00 7.32 -10.01
N PRO B 17 -4.17 7.26 -10.66
CA PRO B 17 -4.29 7.65 -12.07
C PRO B 17 -3.97 9.12 -12.24
N ARG B 18 -2.98 9.43 -13.06
CA ARG B 18 -2.57 10.82 -13.29
C ARG B 18 -2.34 11.02 -14.78
N PHE B 19 -1.95 12.23 -15.16
CA PHE B 19 -1.64 12.54 -16.56
C PHE B 19 -0.28 13.21 -16.70
N TYR B 20 0.40 12.93 -17.81
CA TYR B 20 1.68 13.56 -18.12
C TYR B 20 1.72 13.98 -19.58
N PHE B 21 2.51 15.00 -19.88
CA PHE B 21 2.72 15.45 -21.25
C PHE B 21 3.81 14.60 -21.91
N ASP B 22 3.47 13.90 -22.99
CA ASP B 22 4.39 12.97 -23.63
C ASP B 22 5.22 13.66 -24.71
N SER B 23 6.51 13.34 -24.73
CA SER B 23 7.45 14.01 -25.62
C SER B 23 7.50 13.32 -26.98
N GLU B 24 7.81 12.03 -26.98
CA GLU B 24 7.92 11.26 -28.22
C GLU B 24 6.59 11.27 -28.99
N THR B 25 5.49 11.54 -28.26
CA THR B 25 4.13 11.49 -28.81
C THR B 25 3.48 12.87 -29.00
N GLY B 26 3.57 13.74 -27.99
CA GLY B 26 3.11 15.12 -28.13
C GLY B 26 1.79 15.50 -27.46
N LYS B 27 1.24 14.62 -26.64
CA LYS B 27 -0.06 14.89 -26.01
C LYS B 27 -0.09 14.48 -24.54
N CYS B 28 -0.93 15.16 -23.75
CA CYS B 28 -1.20 14.75 -22.37
C CYS B 28 -1.78 13.34 -22.36
N THR B 29 -1.30 12.49 -21.45
CA THR B 29 -1.45 11.03 -21.56
C THR B 29 -1.59 10.40 -20.17
N PRO B 30 -2.52 9.43 -20.02
CA PRO B 30 -2.69 8.82 -18.69
C PRO B 30 -1.55 7.90 -18.29
N PHE B 31 -1.26 7.88 -16.99
CA PHE B 31 -0.33 6.93 -16.42
C PHE B 31 -0.70 6.66 -14.97
N ILE B 32 -0.16 5.58 -14.41
CA ILE B 32 -0.36 5.27 -12.99
C ILE B 32 0.83 5.73 -12.16
N TYR B 33 0.58 6.73 -11.31
CA TYR B 33 1.58 7.25 -10.39
C TYR B 33 1.53 6.44 -9.09
N GLY B 34 2.70 6.11 -8.54
CA GLY B 34 2.79 5.30 -7.34
C GLY B 34 2.46 5.98 -6.02
N GLY B 35 2.42 7.32 -5.99
CA GLY B 35 1.98 8.02 -4.79
C GLY B 35 3.03 8.75 -3.97
N CYS B 36 4.30 8.64 -4.37
CA CYS B 36 5.37 9.37 -3.71
C CYS B 36 6.50 9.75 -4.68
N GLY B 37 7.24 10.78 -4.32
CA GLY B 37 8.39 11.19 -5.12
C GLY B 37 8.07 11.70 -6.51
N GLY B 38 6.82 12.08 -6.74
CA GLY B 38 6.44 12.59 -8.06
C GLY B 38 7.21 13.84 -8.45
N ASN B 39 7.29 14.12 -9.74
CA ASN B 39 7.88 15.37 -10.21
C ASN B 39 6.81 16.33 -10.76
N GLY B 40 7.21 17.26 -11.61
CA GLY B 40 6.29 18.30 -12.06
C GLY B 40 5.35 17.89 -13.17
N ASN B 41 5.78 16.95 -14.01
CA ASN B 41 4.97 16.47 -15.14
C ASN B 41 4.05 15.38 -14.63
N ASN B 42 3.10 15.80 -13.79
CA ASN B 42 2.20 14.90 -13.09
C ASN B 42 0.98 15.72 -12.66
N PHE B 43 -0.13 15.58 -13.38
CA PHE B 43 -1.31 16.38 -13.08
C PHE B 43 -2.52 15.54 -12.67
N GLU B 44 -3.15 15.95 -11.56
CA GLU B 44 -4.32 15.26 -11.03
C GLU B 44 -5.46 15.20 -12.04
N THR B 45 -5.52 16.17 -12.94
CA THR B 45 -6.59 16.23 -13.93
CA THR B 45 -6.59 16.23 -13.93
C THR B 45 -6.06 16.45 -15.33
N LEU B 46 -6.80 15.94 -16.32
CA LEU B 46 -6.43 16.13 -17.71
CA LEU B 46 -6.44 16.13 -17.72
C LEU B 46 -6.53 17.60 -18.10
N HIS B 47 -7.47 18.31 -17.48
CA HIS B 47 -7.63 19.73 -17.73
C HIS B 47 -6.46 20.55 -17.15
N GLN B 48 -5.93 20.10 -16.02
CA GLN B 48 -4.73 20.75 -15.48
C GLN B 48 -3.62 20.64 -16.51
N CYS B 49 -3.32 19.41 -16.94
CA CYS B 49 -2.27 19.15 -17.91
C CYS B 49 -2.32 20.07 -19.14
N ARG B 50 -3.48 20.16 -19.77
CA ARG B 50 -3.64 20.96 -20.99
C ARG B 50 -3.41 22.46 -20.75
N ALA B 51 -4.10 23.00 -19.75
CA ALA B 51 -3.91 24.38 -19.35
C ALA B 51 -2.45 24.61 -19.00
N ILE B 52 -1.90 23.68 -18.23
CA ILE B 52 -0.53 23.79 -17.73
C ILE B 52 0.55 23.81 -18.83
N CYS B 53 0.39 22.95 -19.85
CA CYS B 53 1.35 22.92 -20.96
C CYS B 53 0.78 22.36 -22.26
N ARG B 54 -0.01 23.16 -22.98
CA ARG B 54 -0.61 22.69 -24.22
C ARG B 54 -1.21 23.83 -25.03
S SO4 C . 15.64 2.39 -7.58
O1 SO4 C . 15.84 3.50 -8.51
O2 SO4 C . 15.83 1.09 -8.26
O3 SO4 C . 16.61 2.45 -6.50
O4 SO4 C . 14.29 2.47 -7.03
S SO4 D . 12.65 -1.40 17.35
O1 SO4 D . 13.50 -1.05 16.22
O2 SO4 D . 11.55 -2.21 16.85
O3 SO4 D . 13.44 -2.18 18.30
O4 SO4 D . 12.12 -0.22 18.03
S SO4 E . 1.39 13.80 -4.57
O1 SO4 E . 2.23 14.06 -5.75
O2 SO4 E . 1.63 12.44 -4.12
O3 SO4 E . 1.72 14.73 -3.50
O4 SO4 E . -0.01 13.99 -4.95
S SO4 F . 18.39 5.93 -2.09
O1 SO4 F . 19.16 7.01 -2.70
O2 SO4 F . 18.41 4.78 -2.97
O3 SO4 F . 19.00 5.58 -0.80
O4 SO4 F . 17.01 6.35 -1.85
S SO4 G . 10.26 5.87 -13.00
O1 SO4 G . 11.26 6.88 -13.30
O2 SO4 G . 10.74 4.55 -13.39
O3 SO4 G . 9.99 5.90 -11.56
O4 SO4 G . 9.02 6.12 -13.73
S SO4 H . -5.66 -7.17 -16.33
O1 SO4 H . -4.21 -7.33 -16.30
O2 SO4 H . -6.24 -8.35 -16.99
O3 SO4 H . -6.18 -7.08 -14.96
O4 SO4 H . -6.02 -6.00 -17.11
C1 GOL I . 27.09 -8.48 -3.18
O1 GOL I . 25.68 -8.48 -3.22
C2 GOL I . 27.46 -8.17 -1.73
O2 GOL I . 28.51 -9.03 -1.32
C3 GOL I . 27.90 -6.72 -1.64
O3 GOL I . 27.55 -6.15 -0.38
C1 GOL J . 18.52 1.97 9.97
O1 GOL J . 19.62 2.26 9.14
C2 GOL J . 17.98 3.29 10.55
O2 GOL J . 18.47 3.46 11.86
C3 GOL J . 16.46 3.33 10.54
O3 GOL J . 15.92 2.19 11.17
C1 GOL K . -10.82 -18.31 -4.85
O1 GOL K . -10.33 -19.48 -5.46
C2 GOL K . -12.35 -18.30 -4.87
O2 GOL K . -12.82 -17.55 -5.98
C3 GOL K . -12.88 -17.69 -3.59
O3 GOL K . -12.78 -18.64 -2.55
C1 GOL L . -11.66 -3.21 -9.95
O1 GOL L . -10.53 -4.03 -9.81
C2 GOL L . -11.26 -1.85 -10.50
O2 GOL L . -11.87 -1.61 -11.74
C3 GOL L . -11.62 -0.76 -9.50
O3 GOL L . -12.68 -1.22 -8.69
C1 GOL M . -22.37 -0.30 -1.89
O1 GOL M . -23.08 0.79 -1.36
C2 GOL M . -21.10 0.20 -2.56
O2 GOL M . -21.25 1.56 -2.89
C3 GOL M . -20.82 -0.61 -3.81
O3 GOL M . -19.56 -0.25 -4.34
C1 GOL N . 25.06 0.62 -2.77
O1 GOL N . 24.48 -0.61 -3.12
C2 GOL N . 24.17 1.28 -1.73
O2 GOL N . 23.25 2.14 -2.36
C3 GOL N . 25.01 2.01 -0.69
O3 GOL N . 25.67 3.11 -1.29
S SO4 O . 12.85 8.54 -5.18
O1 SO4 O . 13.28 9.93 -5.30
O2 SO4 O . 13.99 7.64 -5.32
O3 SO4 O . 12.23 8.35 -3.87
O4 SO4 O . 11.88 8.26 -6.24
S SO4 P . 14.50 11.67 -10.27
O1 SO4 P . 15.38 12.82 -10.41
O2 SO4 P . 15.12 10.50 -10.88
O3 SO4 P . 14.27 11.41 -8.85
O4 SO4 P . 13.23 11.96 -10.94
C1 GOL Q . -6.07 10.08 -8.87
O1 GOL Q . -4.68 10.22 -8.67
C2 GOL Q . -6.85 11.12 -8.07
O2 GOL Q . -7.97 11.54 -8.82
C3 GOL Q . -5.96 12.30 -7.72
O3 GOL Q . -4.99 11.90 -6.77
#